data_8GQA
#
_entry.id   8GQA
#
_cell.length_a   128.033
_cell.length_b   128.033
_cell.length_c   171.026
_cell.angle_alpha   90.000
_cell.angle_beta   90.000
_cell.angle_gamma   90.000
#
_symmetry.space_group_name_H-M   'I 4 2 2'
#
loop_
_entity.id
_entity.type
_entity.pdbx_description
1 polymer 'Poly-gamma-glutamate synthesis protein (Capsule biosynthesis protein)'
2 polymer 'precursor peptide analog MslAdeltaW21'
3 non-polymer 'CALCIUM ION'
4 non-polymer 2-AMINO-2-HYDROXYMETHYL-PROPANE-1,3-DIOL
5 water water
#
loop_
_entity_poly.entity_id
_entity_poly.type
_entity_poly.pdbx_seq_one_letter_code
_entity_poly.pdbx_strand_id
1 'polypeptide(L)'
;MTRLTVALSGDCMVTRGGLITSDPAAERLRDLLRGTDFAVTNLEVVPSDGRGHPVHNAVGGGCLIADSAVLDEVTAAGFS
VLGCANNHAMDLGTEGVLGTMDLLRARGIPYAGIGADLTGARRPVYADRPGGSLALLSCTATFLPGQEAADPSPELPGRP
GLNPLRHTATMQVTADQMDVLRTIDAETGLRARRAEARALLGVDPALLGPDRLALFGTRFRTADAPGFTTECDPRDLDEI
ARWVGEARLRADLVVVSVHSHEPGPTPETPGEFLRVFAHRMIDEGAHAVVGHGPHFLRGVELYRNKPIFYSLGNIVSQIE
LTDRVSAEDYAKVTAERPLTPGRYYDRLSGHGTRLFAPHRRYWQSLVPVLTFEDGTLTAARLHPVDLGFGRPVHRRGRPR
LADRAEAEKTLTDVAQLSQPYGTAIEVMDDGTGELALDVA
;
A
2 'polypeptide(L)' CLGVGSCNDFAGCGYAIVCF B
#
# COMPACT_ATOMS: atom_id res chain seq x y z
N MET A 1 -17.10 2.76 -28.42
CA MET A 1 -15.86 2.55 -29.18
C MET A 1 -14.95 1.56 -28.46
N THR A 2 -14.23 2.05 -27.44
CA THR A 2 -13.29 1.23 -26.68
C THR A 2 -13.91 0.86 -25.34
N ARG A 3 -13.92 -0.43 -25.03
CA ARG A 3 -14.51 -0.95 -23.80
C ARG A 3 -13.51 -1.84 -23.11
N LEU A 4 -13.13 -1.48 -21.88
CA LEU A 4 -12.09 -2.17 -21.14
C LEU A 4 -12.53 -2.45 -19.71
N THR A 5 -12.07 -3.57 -19.17
CA THR A 5 -12.38 -3.98 -17.80
C THR A 5 -11.09 -4.11 -17.00
N VAL A 6 -11.13 -3.63 -15.75
CA VAL A 6 -9.96 -3.62 -14.87
C VAL A 6 -10.36 -4.22 -13.53
N ALA A 7 -9.65 -5.27 -13.12
CA ALA A 7 -9.80 -5.82 -11.78
C ALA A 7 -8.75 -5.22 -10.86
N LEU A 8 -9.17 -4.80 -9.67
CA LEU A 8 -8.27 -4.21 -8.68
C LEU A 8 -8.24 -5.10 -7.45
N SER A 9 -7.12 -5.04 -6.72
CA SER A 9 -6.97 -5.81 -5.49
C SER A 9 -5.91 -5.14 -4.63
N GLY A 10 -5.76 -5.65 -3.41
CA GLY A 10 -4.89 -5.07 -2.40
C GLY A 10 -3.56 -5.79 -2.30
N ASP A 11 -3.10 -5.96 -1.06
CA ASP A 11 -1.79 -6.54 -0.80
C ASP A 11 -1.77 -8.02 -1.19
N CYS A 12 -0.80 -8.39 -2.02
CA CYS A 12 -0.58 -9.77 -2.43
C CYS A 12 0.66 -10.28 -1.69
N MET A 13 0.45 -10.79 -0.48
CA MET A 13 1.53 -11.30 0.35
C MET A 13 1.59 -12.83 0.24
N VAL A 14 2.08 -13.28 -0.92
CA VAL A 14 2.10 -14.70 -1.27
C VAL A 14 3.47 -15.27 -0.97
N THR A 15 3.51 -16.39 -0.26
CA THR A 15 4.76 -17.06 0.08
C THR A 15 4.75 -18.56 -0.18
N ARG A 16 3.65 -19.12 -0.69
CA ARG A 16 3.54 -20.55 -0.92
C ARG A 16 2.88 -20.80 -2.27
N GLY A 17 3.00 -22.03 -2.75
CA GLY A 17 2.35 -22.44 -3.97
C GLY A 17 0.89 -22.79 -3.74
N GLY A 18 0.24 -23.24 -4.81
CA GLY A 18 -1.17 -23.59 -4.73
C GLY A 18 -2.03 -22.44 -4.29
N LEU A 19 -1.79 -21.25 -4.85
CA LEU A 19 -2.51 -20.05 -4.41
C LEU A 19 -4.02 -20.21 -4.63
N ILE A 20 -4.41 -20.78 -5.77
CA ILE A 20 -5.81 -21.04 -6.08
C ILE A 20 -6.09 -22.50 -5.76
N THR A 21 -6.89 -22.75 -4.73
CA THR A 21 -7.19 -24.11 -4.31
C THR A 21 -8.23 -24.73 -5.24
N SER A 22 -8.53 -26.01 -5.00
CA SER A 22 -9.56 -26.72 -5.75
C SER A 22 -10.96 -26.34 -5.32
N ASP A 23 -11.10 -25.47 -4.32
CA ASP A 23 -12.40 -24.94 -3.95
C ASP A 23 -13.02 -24.25 -5.15
N PRO A 24 -14.27 -24.58 -5.51
CA PRO A 24 -14.90 -23.90 -6.65
C PRO A 24 -15.00 -22.39 -6.48
N ALA A 25 -15.12 -21.90 -5.25
CA ALA A 25 -15.15 -20.46 -5.03
C ALA A 25 -13.80 -19.82 -5.31
N ALA A 26 -12.71 -20.56 -5.16
CA ALA A 26 -11.39 -20.04 -5.49
C ALA A 26 -11.13 -20.09 -6.98
N GLU A 27 -11.56 -21.17 -7.65
CA GLU A 27 -11.43 -21.25 -9.10
C GLU A 27 -12.29 -20.21 -9.79
N ARG A 28 -13.42 -19.83 -9.19
N ARG A 28 -13.42 -19.86 -9.20
CA ARG A 28 -14.24 -18.79 -9.79
CA ARG A 28 -14.27 -18.79 -9.74
C ARG A 28 -13.60 -17.41 -9.65
C ARG A 28 -13.55 -17.45 -9.67
N LEU A 29 -12.78 -17.22 -8.61
CA LEU A 29 -12.02 -15.97 -8.49
C LEU A 29 -10.98 -15.87 -9.60
N ARG A 30 -10.28 -16.97 -9.89
CA ARG A 30 -9.34 -16.98 -11.00
C ARG A 30 -10.05 -16.73 -12.33
N ASP A 31 -11.21 -17.35 -12.52
CA ASP A 31 -11.99 -17.09 -13.73
C ASP A 31 -12.36 -15.62 -13.84
N LEU A 32 -12.74 -15.00 -12.73
CA LEU A 32 -13.06 -13.57 -12.75
C LEU A 32 -11.85 -12.74 -13.14
N LEU A 33 -10.71 -13.01 -12.53
CA LEU A 33 -9.50 -12.24 -12.83
C LEU A 33 -9.04 -12.47 -14.27
N ARG A 34 -9.06 -13.72 -14.73
N ARG A 34 -9.06 -13.71 -14.73
CA ARG A 34 -8.63 -14.02 -16.09
CA ARG A 34 -8.61 -14.01 -16.09
C ARG A 34 -9.54 -13.39 -17.12
C ARG A 34 -9.61 -13.60 -17.15
N GLY A 35 -10.80 -13.14 -16.77
CA GLY A 35 -11.77 -12.62 -17.71
C GLY A 35 -11.72 -11.14 -17.95
N THR A 36 -10.91 -10.41 -17.19
CA THR A 36 -10.77 -8.98 -17.38
C THR A 36 -9.63 -8.66 -18.35
N ASP A 37 -9.61 -7.41 -18.82
CA ASP A 37 -8.53 -6.98 -19.69
C ASP A 37 -7.24 -6.75 -18.92
N PHE A 38 -7.35 -6.22 -17.70
CA PHE A 38 -6.20 -5.98 -16.83
C PHE A 38 -6.58 -6.31 -15.40
N ALA A 39 -5.65 -6.92 -14.68
CA ALA A 39 -5.84 -7.28 -13.28
C ALA A 39 -4.64 -6.79 -12.48
N VAL A 40 -4.87 -5.84 -11.58
CA VAL A 40 -3.81 -5.14 -10.86
C VAL A 40 -3.78 -5.64 -9.42
N THR A 41 -2.55 -5.83 -8.90
CA THR A 41 -2.37 -6.11 -7.48
C THR A 41 -1.05 -5.50 -7.02
N ASN A 42 -0.90 -5.39 -5.71
CA ASN A 42 0.30 -4.83 -5.10
C ASN A 42 1.17 -5.97 -4.58
N LEU A 43 2.32 -6.17 -5.22
CA LEU A 43 3.24 -7.24 -4.81
C LEU A 43 3.89 -6.90 -3.48
N GLU A 44 3.27 -7.34 -2.39
CA GLU A 44 3.77 -7.05 -1.04
C GLU A 44 4.64 -8.21 -0.54
N VAL A 45 5.68 -8.49 -1.32
CA VAL A 45 6.65 -9.54 -1.01
C VAL A 45 7.81 -9.41 -1.98
N VAL A 46 9.01 -9.74 -1.54
CA VAL A 46 10.20 -9.72 -2.39
C VAL A 46 10.38 -11.12 -2.96
N PRO A 47 10.10 -11.34 -4.24
CA PRO A 47 10.49 -12.61 -4.86
C PRO A 47 11.99 -12.63 -5.09
N SER A 48 12.62 -13.76 -4.76
CA SER A 48 14.07 -13.76 -4.71
C SER A 48 14.63 -15.13 -5.06
N ASP A 49 15.73 -15.12 -5.81
CA ASP A 49 16.57 -16.29 -6.02
C ASP A 49 17.85 -16.23 -5.20
N GLY A 50 18.00 -15.20 -4.35
CA GLY A 50 19.13 -15.13 -3.44
C GLY A 50 19.90 -13.83 -3.45
N ARG A 51 19.56 -12.91 -4.36
CA ARG A 51 20.30 -11.67 -4.50
C ARG A 51 19.87 -10.66 -3.44
N GLY A 52 20.84 -10.07 -2.77
CA GLY A 52 20.59 -9.01 -1.80
C GLY A 52 20.85 -9.46 -0.38
N HIS A 53 20.53 -8.56 0.56
CA HIS A 53 20.72 -8.78 1.98
C HIS A 53 19.55 -8.21 2.75
N PRO A 54 19.11 -8.88 3.81
CA PRO A 54 17.92 -8.41 4.54
C PRO A 54 18.19 -7.09 5.26
N VAL A 55 17.24 -6.18 5.17
CA VAL A 55 17.28 -4.92 5.87
C VAL A 55 16.47 -5.05 7.16
N HIS A 56 16.75 -4.17 8.11
CA HIS A 56 16.02 -4.17 9.38
C HIS A 56 14.71 -3.42 9.18
N ASN A 57 13.60 -4.16 9.17
CA ASN A 57 12.27 -3.60 8.94
C ASN A 57 11.33 -4.07 10.06
N ALA A 58 11.75 -3.82 11.31
CA ALA A 58 10.93 -4.20 12.45
C ALA A 58 9.58 -3.51 12.41
N VAL A 59 9.56 -2.26 11.96
CA VAL A 59 8.33 -1.48 11.98
C VAL A 59 7.33 -2.02 10.95
N GLY A 60 7.83 -2.58 9.85
CA GLY A 60 6.97 -3.22 8.87
C GLY A 60 6.54 -4.63 9.21
N GLY A 61 6.92 -5.13 10.38
CA GLY A 61 6.57 -6.47 10.78
C GLY A 61 7.59 -7.53 10.46
N GLY A 62 8.77 -7.14 10.01
CA GLY A 62 9.82 -8.08 9.63
C GLY A 62 9.96 -8.18 8.12
N CYS A 63 10.88 -9.06 7.72
CA CYS A 63 11.15 -9.27 6.31
C CYS A 63 10.05 -10.12 5.67
N LEU A 64 9.75 -9.82 4.40
CA LEU A 64 8.73 -10.53 3.63
C LEU A 64 9.39 -10.97 2.32
N ILE A 65 10.02 -12.14 2.34
CA ILE A 65 10.80 -12.65 1.22
C ILE A 65 10.30 -14.04 0.88
N ALA A 66 10.22 -14.35 -0.41
CA ALA A 66 9.69 -15.62 -0.86
C ALA A 66 10.45 -16.12 -2.08
N ASP A 67 10.41 -17.44 -2.26
CA ASP A 67 10.87 -18.07 -3.50
C ASP A 67 10.24 -17.37 -4.70
N SER A 68 11.06 -17.09 -5.72
CA SER A 68 10.57 -16.40 -6.90
C SER A 68 9.50 -17.19 -7.65
N ALA A 69 9.32 -18.47 -7.32
CA ALA A 69 8.28 -19.26 -7.96
C ALA A 69 6.88 -18.75 -7.65
N VAL A 70 6.73 -17.94 -6.59
CA VAL A 70 5.42 -17.38 -6.26
C VAL A 70 4.93 -16.45 -7.35
N LEU A 71 5.84 -15.93 -8.20
CA LEU A 71 5.41 -15.09 -9.30
C LEU A 71 4.57 -15.88 -10.32
N ASP A 72 4.86 -17.17 -10.48
CA ASP A 72 4.02 -18.01 -11.34
C ASP A 72 2.64 -18.20 -10.74
N GLU A 73 2.54 -18.25 -9.42
CA GLU A 73 1.23 -18.31 -8.78
C GLU A 73 0.43 -17.04 -9.02
N VAL A 74 1.12 -15.89 -9.03
CA VAL A 74 0.44 -14.60 -9.20
C VAL A 74 -0.14 -14.50 -10.61
N THR A 75 0.65 -14.88 -11.62
CA THR A 75 0.19 -14.75 -13.01
C THR A 75 -0.84 -15.83 -13.34
N ALA A 76 -0.64 -17.06 -12.85
CA ALA A 76 -1.61 -18.12 -13.10
C ALA A 76 -2.95 -17.80 -12.47
N ALA A 77 -2.96 -17.07 -11.36
CA ALA A 77 -4.21 -16.70 -10.71
C ALA A 77 -4.96 -15.65 -11.51
N GLY A 78 -4.30 -14.92 -12.40
CA GLY A 78 -4.95 -13.95 -13.26
C GLY A 78 -4.40 -12.53 -13.18
N PHE A 79 -3.58 -12.21 -12.20
CA PHE A 79 -3.01 -10.87 -12.11
C PHE A 79 -2.02 -10.64 -13.26
N SER A 80 -2.08 -9.45 -13.85
CA SER A 80 -1.33 -9.17 -15.07
C SER A 80 -0.54 -7.86 -15.04
N VAL A 81 -0.83 -6.94 -14.13
CA VAL A 81 -0.04 -5.72 -13.95
C VAL A 81 0.24 -5.56 -12.47
N LEU A 82 1.50 -5.34 -12.12
N LEU A 82 1.51 -5.36 -12.12
CA LEU A 82 1.95 -5.38 -10.73
CA LEU A 82 1.95 -5.37 -10.73
C LEU A 82 2.40 -4.00 -10.28
C LEU A 82 2.37 -3.97 -10.29
N GLY A 83 1.90 -3.56 -9.13
CA GLY A 83 2.41 -2.39 -8.46
C GLY A 83 3.35 -2.87 -7.36
N CYS A 84 4.53 -2.25 -7.30
CA CYS A 84 5.58 -2.73 -6.41
C CYS A 84 6.05 -1.73 -5.37
N ALA A 85 5.58 -0.48 -5.41
CA ALA A 85 5.99 0.50 -4.41
C ALA A 85 5.22 0.24 -3.12
N ASN A 86 5.93 -0.20 -2.09
CA ASN A 86 5.36 -0.44 -0.77
C ASN A 86 6.50 -0.49 0.23
N ASN A 87 6.19 -0.79 1.48
CA ASN A 87 7.19 -0.78 2.55
C ASN A 87 7.91 -2.12 2.71
N HIS A 88 7.82 -3.01 1.73
CA HIS A 88 8.55 -4.26 1.77
C HIS A 88 9.37 -4.55 0.52
N ALA A 89 9.18 -3.79 -0.57
CA ALA A 89 9.95 -4.02 -1.79
C ALA A 89 11.45 -3.89 -1.57
N MET A 90 11.88 -3.15 -0.54
CA MET A 90 13.29 -2.95 -0.25
C MET A 90 13.78 -3.86 0.88
N ASP A 91 13.07 -4.95 1.16
CA ASP A 91 13.45 -5.83 2.26
C ASP A 91 14.78 -6.52 2.02
N LEU A 92 15.23 -6.62 0.77
CA LEU A 92 16.55 -7.16 0.45
C LEU A 92 17.49 -6.08 -0.08
N GLY A 93 17.17 -4.80 0.17
CA GLY A 93 18.06 -3.71 -0.19
C GLY A 93 18.00 -3.36 -1.67
N THR A 94 18.99 -2.56 -2.07
CA THR A 94 19.07 -2.14 -3.46
C THR A 94 19.34 -3.32 -4.39
N GLU A 95 20.17 -4.26 -3.93
CA GLU A 95 20.42 -5.45 -4.74
C GLU A 95 19.18 -6.32 -4.87
N GLY A 96 18.35 -6.36 -3.83
CA GLY A 96 17.11 -7.13 -3.90
C GLY A 96 16.12 -6.55 -4.88
N VAL A 97 15.97 -5.22 -4.89
CA VAL A 97 15.02 -4.60 -5.80
C VAL A 97 15.50 -4.69 -7.24
N LEU A 98 16.82 -4.69 -7.45
CA LEU A 98 17.34 -4.97 -8.79
C LEU A 98 17.08 -6.41 -9.20
N GLY A 99 17.13 -7.33 -8.23
CA GLY A 99 16.78 -8.72 -8.53
C GLY A 99 15.30 -8.91 -8.81
N THR A 100 14.44 -8.14 -8.15
CA THR A 100 13.01 -8.22 -8.43
C THR A 100 12.70 -7.74 -9.85
N MET A 101 13.31 -6.63 -10.25
CA MET A 101 13.12 -6.13 -11.62
C MET A 101 13.58 -7.16 -12.64
N ASP A 102 14.71 -7.83 -12.38
CA ASP A 102 15.18 -8.87 -13.29
C ASP A 102 14.19 -10.03 -13.37
N LEU A 103 13.67 -10.46 -12.21
CA LEU A 103 12.73 -11.59 -12.20
C LEU A 103 11.45 -11.24 -12.94
N LEU A 104 10.93 -10.03 -12.73
CA LEU A 104 9.68 -9.64 -13.38
C LEU A 104 9.83 -9.50 -14.88
N ARG A 105 10.97 -8.95 -15.33
CA ARG A 105 11.17 -8.77 -16.76
C ARG A 105 11.47 -10.08 -17.47
N ALA A 106 12.13 -11.02 -16.79
CA ALA A 106 12.37 -12.33 -17.40
C ALA A 106 11.08 -13.12 -17.56
N ARG A 107 10.08 -12.85 -16.72
CA ARG A 107 8.78 -13.49 -16.84
C ARG A 107 7.79 -12.66 -17.65
N GLY A 108 8.22 -11.51 -18.16
CA GLY A 108 7.35 -10.68 -18.98
C GLY A 108 6.19 -10.06 -18.23
N ILE A 109 6.35 -9.77 -16.95
CA ILE A 109 5.29 -9.20 -16.12
C ILE A 109 5.47 -7.69 -16.08
N PRO A 110 4.49 -6.91 -16.51
CA PRO A 110 4.61 -5.45 -16.39
C PRO A 110 4.51 -5.02 -14.94
N TYR A 111 5.36 -4.05 -14.57
CA TYR A 111 5.39 -3.57 -13.19
C TYR A 111 5.72 -2.08 -13.18
N ALA A 112 5.39 -1.44 -12.07
CA ALA A 112 5.75 -0.05 -11.84
C ALA A 112 5.91 0.16 -10.34
N GLY A 113 6.55 1.28 -9.99
CA GLY A 113 6.75 1.67 -8.61
C GLY A 113 8.16 1.49 -8.10
N ILE A 114 8.99 0.69 -8.78
CA ILE A 114 10.39 0.52 -8.43
C ILE A 114 11.22 0.67 -9.68
N GLY A 115 12.50 1.01 -9.49
CA GLY A 115 13.39 1.18 -10.63
C GLY A 115 14.82 1.29 -10.18
N ALA A 116 15.72 1.32 -11.17
CA ALA A 116 17.13 1.50 -10.89
C ALA A 116 17.46 2.93 -10.47
N ASP A 117 16.56 3.88 -10.73
CA ASP A 117 16.69 5.24 -10.22
C ASP A 117 15.28 5.79 -9.99
N LEU A 118 15.23 7.06 -9.56
CA LEU A 118 13.95 7.65 -9.17
C LEU A 118 13.01 7.79 -10.36
N THR A 119 13.53 8.26 -11.50
CA THR A 119 12.68 8.39 -12.69
C THR A 119 12.07 7.05 -13.07
N GLY A 120 12.89 5.99 -13.10
CA GLY A 120 12.38 4.67 -13.41
C GLY A 120 11.32 4.19 -12.45
N ALA A 121 11.42 4.59 -11.17
CA ALA A 121 10.39 4.23 -10.20
C ALA A 121 9.13 5.07 -10.38
N ARG A 122 9.26 6.28 -10.92
CA ARG A 122 8.12 7.16 -11.08
C ARG A 122 7.36 6.89 -12.38
N ARG A 123 8.05 6.42 -13.42
CA ARG A 123 7.45 6.16 -14.72
C ARG A 123 6.20 5.31 -14.62
N PRO A 124 5.23 5.50 -15.50
CA PRO A 124 4.19 4.50 -15.68
C PRO A 124 4.71 3.33 -16.50
N VAL A 125 4.07 2.19 -16.32
CA VAL A 125 4.24 1.05 -17.20
C VAL A 125 3.00 0.94 -18.07
N TYR A 126 3.19 0.61 -19.34
CA TYR A 126 2.09 0.53 -20.29
C TYR A 126 1.84 -0.93 -20.61
N ALA A 127 0.65 -1.42 -20.26
CA ALA A 127 0.21 -2.76 -20.60
C ALA A 127 -0.75 -2.67 -21.77
N ASP A 128 -0.38 -3.28 -22.89
CA ASP A 128 -1.16 -3.22 -24.12
C ASP A 128 -1.87 -4.55 -24.34
N ARG A 129 -3.15 -4.47 -24.69
CA ARG A 129 -3.97 -5.61 -25.06
C ARG A 129 -4.62 -5.30 -26.40
N PRO A 130 -5.20 -6.31 -27.07
CA PRO A 130 -5.92 -6.03 -28.32
C PRO A 130 -7.02 -5.00 -28.15
N GLY A 131 -7.68 -4.96 -27.00
CA GLY A 131 -8.75 -4.01 -26.77
C GLY A 131 -8.31 -2.62 -26.37
N GLY A 132 -7.09 -2.47 -25.87
CA GLY A 132 -6.61 -1.17 -25.48
C GLY A 132 -5.47 -1.30 -24.48
N SER A 133 -5.09 -0.15 -23.92
CA SER A 133 -3.91 -0.03 -23.08
C SER A 133 -4.27 0.55 -21.72
N LEU A 134 -3.51 0.14 -20.71
CA LEU A 134 -3.64 0.67 -19.36
C LEU A 134 -2.27 1.12 -18.88
N ALA A 135 -2.21 2.32 -18.31
CA ALA A 135 -0.99 2.81 -17.68
C ALA A 135 -1.13 2.70 -16.17
N LEU A 136 -0.15 2.05 -15.53
CA LEU A 136 -0.13 1.90 -14.09
C LEU A 136 1.01 2.71 -13.50
N LEU A 137 0.70 3.54 -12.52
CA LEU A 137 1.69 4.21 -11.70
C LEU A 137 1.53 3.72 -10.27
N SER A 138 2.66 3.58 -9.57
CA SER A 138 2.63 3.00 -8.23
C SER A 138 3.55 3.80 -7.33
N CYS A 139 3.05 4.18 -6.15
CA CYS A 139 3.79 4.96 -5.18
C CYS A 139 3.49 4.43 -3.79
N THR A 140 4.27 4.88 -2.81
CA THR A 140 4.04 4.47 -1.43
C THR A 140 4.35 5.62 -0.48
N ALA A 141 3.46 5.81 0.50
CA ALA A 141 3.65 6.78 1.57
C ALA A 141 4.24 6.15 2.82
N THR A 142 4.41 4.83 2.84
CA THR A 142 4.97 4.11 3.97
C THR A 142 6.23 3.40 3.52
N PHE A 143 7.36 3.76 4.12
CA PHE A 143 8.65 3.15 3.83
C PHE A 143 9.68 3.72 4.79
N LEU A 144 10.76 2.99 4.97
CA LEU A 144 11.87 3.46 5.79
C LEU A 144 12.58 4.60 5.07
N PRO A 145 12.87 5.71 5.75
CA PRO A 145 13.60 6.81 5.10
C PRO A 145 14.89 6.32 4.48
N GLY A 146 15.21 6.85 3.30
CA GLY A 146 16.34 6.42 2.52
C GLY A 146 16.04 5.34 1.50
N GLN A 147 14.90 4.66 1.64
CA GLN A 147 14.53 3.61 0.69
C GLN A 147 14.00 4.15 -0.62
N GLU A 148 13.64 5.43 -0.68
CA GLU A 148 13.21 6.02 -1.94
C GLU A 148 14.36 5.97 -2.95
N ALA A 149 14.01 5.77 -4.21
CA ALA A 149 15.01 5.78 -5.25
C ALA A 149 15.58 7.18 -5.43
N ALA A 150 16.74 7.26 -6.07
CA ALA A 150 17.40 8.52 -6.33
C ALA A 150 17.81 8.59 -7.79
N ASP A 151 17.73 9.78 -8.36
CA ASP A 151 18.15 10.01 -9.73
C ASP A 151 19.65 10.28 -9.79
N PRO A 152 20.27 10.09 -10.95
CA PRO A 152 21.72 10.31 -11.04
C PRO A 152 22.08 11.79 -11.07
N SER A 153 23.32 12.06 -10.70
CA SER A 153 23.97 13.34 -10.84
C SER A 153 25.02 13.26 -11.94
N PRO A 154 25.61 14.39 -12.34
CA PRO A 154 26.69 14.32 -13.34
C PRO A 154 27.86 13.44 -12.94
N GLU A 155 28.07 13.18 -11.65
CA GLU A 155 29.23 12.43 -11.19
C GLU A 155 28.91 11.09 -10.54
N LEU A 156 27.69 10.88 -10.08
CA LEU A 156 27.36 9.63 -9.39
C LEU A 156 26.08 9.04 -9.97
N PRO A 157 25.96 7.72 -9.94
CA PRO A 157 24.71 7.09 -10.39
C PRO A 157 23.58 7.40 -9.43
N GLY A 158 22.39 7.00 -9.83
CA GLY A 158 21.24 7.04 -8.96
C GLY A 158 21.30 5.96 -7.91
N ARG A 159 20.14 5.72 -7.28
CA ARG A 159 20.02 4.65 -6.30
C ARG A 159 18.73 3.90 -6.60
N PRO A 160 18.79 2.58 -6.75
CA PRO A 160 17.55 1.81 -6.91
C PRO A 160 16.67 1.94 -5.67
N GLY A 161 15.36 1.96 -5.89
CA GLY A 161 14.43 2.10 -4.79
C GLY A 161 13.01 2.25 -5.27
N LEU A 162 12.17 2.78 -4.39
CA LEU A 162 10.74 2.89 -4.61
C LEU A 162 10.33 4.30 -4.99
N ASN A 163 9.09 4.42 -5.48
CA ASN A 163 8.52 5.71 -5.83
C ASN A 163 7.85 6.30 -4.59
N PRO A 164 8.38 7.38 -4.02
CA PRO A 164 7.88 7.86 -2.73
C PRO A 164 6.77 8.89 -2.84
N LEU A 165 5.87 8.85 -1.86
CA LEU A 165 4.90 9.90 -1.60
C LEU A 165 5.13 10.31 -0.14
N ARG A 166 6.06 11.25 0.06
CA ARG A 166 6.37 11.69 1.40
C ARG A 166 5.30 12.66 1.90
N HIS A 167 5.27 12.81 3.23
CA HIS A 167 4.27 13.65 3.88
C HIS A 167 4.80 14.06 5.24
N THR A 168 4.31 15.21 5.72
CA THR A 168 4.71 15.72 7.03
C THR A 168 3.48 15.86 7.92
N ALA A 169 3.69 15.63 9.21
CA ALA A 169 2.65 15.78 10.21
C ALA A 169 3.01 16.93 11.13
N THR A 170 2.03 17.79 11.42
CA THR A 170 2.22 18.94 12.28
C THR A 170 1.26 18.85 13.46
N MET A 171 1.80 19.03 14.66
CA MET A 171 0.99 19.10 15.87
C MET A 171 0.60 20.55 16.13
N GLN A 172 -0.70 20.82 16.15
CA GLN A 172 -1.20 22.12 16.55
C GLN A 172 -1.39 22.13 18.06
N VAL A 173 -0.76 23.10 18.73
CA VAL A 173 -0.84 23.21 20.18
C VAL A 173 -1.18 24.66 20.52
N THR A 174 -1.77 24.84 21.70
CA THR A 174 -2.04 26.18 22.19
C THR A 174 -0.74 26.89 22.54
N ALA A 175 -0.82 28.22 22.66
CA ALA A 175 0.36 29.01 22.97
C ALA A 175 0.94 28.63 24.33
N ASP A 176 0.08 28.31 25.29
CA ASP A 176 0.56 27.89 26.61
C ASP A 176 1.21 26.51 26.54
N GLN A 177 0.68 25.62 25.70
CA GLN A 177 1.33 24.33 25.50
C GLN A 177 2.66 24.49 24.80
N MET A 178 2.75 25.45 23.87
CA MET A 178 4.01 25.71 23.18
C MET A 178 5.07 26.22 24.15
N ASP A 179 4.67 27.06 25.11
CA ASP A 179 5.64 27.61 26.06
C ASP A 179 6.22 26.53 26.95
N VAL A 180 5.41 25.53 27.31
CA VAL A 180 5.92 24.44 28.13
C VAL A 180 6.90 23.58 27.33
N LEU A 181 6.64 23.40 26.04
CA LEU A 181 7.54 22.61 25.20
C LEU A 181 8.91 23.27 25.10
N ARG A 182 8.94 24.58 24.83
CA ARG A 182 10.21 25.30 24.80
C ARG A 182 10.86 25.34 26.16
N THR A 183 10.05 25.41 27.22
CA THR A 183 10.60 25.34 28.58
C THR A 183 11.29 24.01 28.80
N ILE A 184 10.63 22.91 28.42
CA ILE A 184 11.24 21.59 28.53
C ILE A 184 12.52 21.52 27.71
N ASP A 185 12.52 22.12 26.52
CA ASP A 185 13.70 22.13 25.67
C ASP A 185 14.87 22.80 26.38
N ALA A 186 14.63 23.95 27.02
CA ALA A 186 15.71 24.68 27.66
C ALA A 186 16.14 24.02 28.96
N GLU A 187 15.17 23.63 29.79
CA GLU A 187 15.49 23.21 31.15
C GLU A 187 16.10 21.81 31.22
N THR A 188 15.81 20.94 30.25
CA THR A 188 16.42 19.61 30.26
C THR A 188 17.88 19.64 29.85
N GLY A 189 18.33 20.71 29.20
CA GLY A 189 19.63 20.75 28.58
C GLY A 189 19.62 20.38 27.10
N LEU A 190 18.45 20.10 26.53
CA LEU A 190 18.37 19.72 25.12
C LEU A 190 18.79 20.87 24.22
N ARG A 191 18.35 22.09 24.53
CA ARG A 191 18.74 23.24 23.74
C ARG A 191 20.24 23.47 23.77
N ALA A 192 20.90 23.12 24.88
CA ALA A 192 22.34 23.29 24.97
C ALA A 192 23.09 22.37 24.03
N ARG A 193 22.54 21.19 23.73
CA ARG A 193 23.22 20.23 22.87
C ARG A 193 23.10 20.56 21.40
N ARG A 194 22.34 21.60 21.04
CA ARG A 194 22.30 22.10 19.67
C ARG A 194 23.21 23.30 19.47
N ALA A 195 24.07 23.61 20.46
CA ALA A 195 24.92 24.79 20.37
C ALA A 195 25.88 24.71 19.20
N GLU A 196 26.39 23.51 18.91
CA GLU A 196 27.32 23.37 17.79
C GLU A 196 26.61 23.57 16.46
N ALA A 197 25.43 22.98 16.29
CA ALA A 197 24.66 23.18 15.07
C ALA A 197 24.28 24.64 14.88
N ARG A 198 24.07 25.38 15.96
CA ARG A 198 23.80 26.80 15.86
C ARG A 198 24.98 27.55 15.27
N ALA A 199 26.20 27.18 15.68
CA ALA A 199 27.39 27.85 15.16
C ALA A 199 27.66 27.46 13.72
N LEU A 200 27.46 26.18 13.38
CA LEU A 200 27.78 25.70 12.03
C LEU A 200 26.78 26.21 11.01
N LEU A 201 25.49 26.12 11.34
CA LEU A 201 24.44 26.56 10.41
C LEU A 201 24.16 28.06 10.49
N GLY A 202 24.53 28.72 11.59
CA GLY A 202 24.20 30.11 11.79
C GLY A 202 22.84 30.36 12.39
N VAL A 203 22.00 29.32 12.51
CA VAL A 203 20.66 29.45 13.08
C VAL A 203 20.42 28.26 14.00
N ASP A 204 19.44 28.43 14.89
CA ASP A 204 18.95 27.30 15.66
C ASP A 204 17.93 26.56 14.80
N PRO A 205 18.24 25.33 14.36
CA PRO A 205 17.31 24.62 13.47
C PRO A 205 15.99 24.23 14.13
N ALA A 206 15.78 24.57 15.39
CA ALA A 206 14.54 24.27 16.09
C ALA A 206 13.55 25.43 16.07
N LEU A 207 13.98 26.62 15.66
CA LEU A 207 13.11 27.80 15.58
C LEU A 207 12.85 28.10 14.12
N LEU A 208 11.62 27.86 13.67
CA LEU A 208 11.31 27.93 12.25
C LEU A 208 10.50 29.19 11.95
N ASP A 211 4.62 31.01 13.92
CA ASP A 211 5.53 30.59 14.98
C ASP A 211 5.65 29.07 15.01
N ARG A 212 6.37 28.53 14.04
CA ARG A 212 6.65 27.10 13.94
C ARG A 212 7.62 26.70 15.05
N LEU A 213 7.95 25.41 15.11
CA LEU A 213 8.92 24.87 16.05
C LEU A 213 9.12 23.39 15.79
N ALA A 214 10.39 22.96 15.81
CA ALA A 214 10.77 21.57 15.55
C ALA A 214 11.53 21.02 16.75
N LEU A 215 10.84 20.27 17.61
CA LEU A 215 11.45 19.60 18.75
C LEU A 215 11.19 18.10 18.64
N PHE A 216 12.16 17.32 19.13
CA PHE A 216 12.04 15.86 19.21
C PHE A 216 11.72 15.23 17.87
N GLY A 217 12.24 15.80 16.78
CA GLY A 217 11.94 15.29 15.46
C GLY A 217 10.49 15.36 15.08
N THR A 218 9.78 16.38 15.57
CA THR A 218 8.36 16.56 15.27
C THR A 218 8.07 18.04 15.12
N ARG A 219 7.11 18.36 14.26
CA ARG A 219 6.74 19.74 14.01
C ARG A 219 5.62 20.16 14.95
N PHE A 220 5.79 21.33 15.57
CA PHE A 220 4.78 21.93 16.44
C PHE A 220 4.43 23.32 15.91
N ARG A 221 3.16 23.67 16.00
CA ARG A 221 2.69 24.97 15.57
C ARG A 221 1.67 25.52 16.58
N THR A 222 1.77 26.81 16.86
CA THR A 222 0.80 27.45 17.75
C THR A 222 -0.54 27.61 17.03
N ALA A 223 -1.60 27.13 17.68
CA ALA A 223 -2.95 27.26 17.15
C ALA A 223 -3.90 27.55 18.29
N ASP A 224 -5.11 27.99 17.92
CA ASP A 224 -6.11 28.33 18.93
C ASP A 224 -6.61 27.09 19.67
N ALA A 225 -6.62 25.94 19.00
CA ALA A 225 -7.05 24.69 19.60
C ALA A 225 -6.11 23.58 19.17
N PRO A 226 -5.84 22.61 20.03
CA PRO A 226 -4.99 21.48 19.63
C PRO A 226 -5.59 20.72 18.46
N GLY A 227 -4.70 20.16 17.64
CA GLY A 227 -5.14 19.45 16.45
C GLY A 227 -3.97 18.73 15.80
N PHE A 228 -4.28 18.04 14.70
CA PHE A 228 -3.30 17.22 14.00
C PHE A 228 -3.54 17.35 12.50
N THR A 229 -2.49 17.74 11.77
CA THR A 229 -2.57 17.94 10.33
C THR A 229 -1.54 17.07 9.62
N THR A 230 -1.86 16.68 8.38
CA THR A 230 -0.91 16.01 7.51
C THR A 230 -1.01 16.64 6.13
N GLU A 231 0.11 16.62 5.41
CA GLU A 231 0.21 17.26 4.10
C GLU A 231 1.27 16.54 3.28
N CYS A 232 0.97 16.33 2.02
CA CYS A 232 1.90 15.66 1.12
C CYS A 232 3.12 16.54 0.82
N ASP A 233 4.26 15.90 0.66
CA ASP A 233 5.46 16.59 0.21
C ASP A 233 5.18 17.22 -1.15
N PRO A 234 5.39 18.54 -1.32
CA PRO A 234 5.05 19.17 -2.60
C PRO A 234 5.84 18.62 -3.78
N ARG A 235 7.09 18.23 -3.58
CA ARG A 235 7.88 17.67 -4.68
C ARG A 235 7.28 16.36 -5.17
N ASP A 236 6.97 15.45 -4.25
CA ASP A 236 6.41 14.16 -4.63
C ASP A 236 5.04 14.32 -5.28
N LEU A 237 4.20 15.19 -4.73
CA LEU A 237 2.86 15.38 -5.29
C LEU A 237 2.93 15.93 -6.70
N ASP A 238 3.79 16.93 -6.93
N ASP A 238 3.79 16.93 -6.93
CA ASP A 238 3.91 17.53 -8.26
CA ASP A 238 3.89 17.51 -8.27
C ASP A 238 4.57 16.57 -9.24
C ASP A 238 4.56 16.55 -9.25
N GLU A 239 5.54 15.78 -8.77
CA GLU A 239 6.24 14.86 -9.66
C GLU A 239 5.35 13.70 -10.08
N ILE A 240 4.62 13.11 -9.13
CA ILE A 240 3.71 12.01 -9.47
C ILE A 240 2.59 12.52 -10.36
N ALA A 241 2.04 13.70 -10.06
CA ALA A 241 1.03 14.29 -10.91
C ALA A 241 1.55 14.55 -12.32
N ARG A 242 2.82 14.97 -12.41
CA ARG A 242 3.43 15.19 -13.72
C ARG A 242 3.43 13.92 -14.56
N TRP A 243 3.78 12.79 -13.95
CA TRP A 243 3.82 11.54 -14.70
C TRP A 243 2.41 11.02 -15.00
N VAL A 244 1.43 11.37 -14.17
CA VAL A 244 0.06 10.98 -14.45
C VAL A 244 -0.43 11.67 -15.72
N GLY A 245 -0.15 12.97 -15.84
CA GLY A 245 -0.52 13.68 -17.05
C GLY A 245 0.19 13.13 -18.29
N GLU A 246 1.43 12.65 -18.12
CA GLU A 246 2.12 12.01 -19.22
C GLU A 246 1.44 10.71 -19.62
N ALA A 247 1.07 9.88 -18.63
CA ALA A 247 0.42 8.61 -18.93
C ALA A 247 -0.94 8.82 -19.60
N ARG A 248 -1.61 9.93 -19.28
CA ARG A 248 -2.93 10.20 -19.86
C ARG A 248 -2.85 10.31 -21.38
N LEU A 249 -1.72 10.77 -21.92
CA LEU A 249 -1.58 10.95 -23.36
C LEU A 249 -1.29 9.65 -24.11
N ARG A 250 -0.90 8.58 -23.40
CA ARG A 250 -0.37 7.40 -24.06
C ARG A 250 -1.13 6.13 -23.71
N ALA A 251 -2.28 6.23 -23.05
CA ALA A 251 -3.09 5.06 -22.74
C ALA A 251 -4.54 5.48 -22.56
N ASP A 252 -5.45 4.51 -22.74
CA ASP A 252 -6.86 4.76 -22.47
C ASP A 252 -7.11 5.02 -21.00
N LEU A 253 -6.60 4.14 -20.14
CA LEU A 253 -6.86 4.17 -18.71
C LEU A 253 -5.57 4.38 -17.93
N VAL A 254 -5.63 5.26 -16.93
CA VAL A 254 -4.52 5.53 -16.04
C VAL A 254 -4.95 5.13 -14.65
N VAL A 255 -4.24 4.20 -14.03
CA VAL A 255 -4.52 3.74 -12.68
C VAL A 255 -3.33 4.10 -11.80
N VAL A 256 -3.63 4.73 -10.66
CA VAL A 256 -2.63 5.09 -9.66
C VAL A 256 -2.84 4.19 -8.45
N SER A 257 -1.82 3.43 -8.08
CA SER A 257 -1.85 2.56 -6.93
C SER A 257 -0.93 3.15 -5.86
N VAL A 258 -1.48 3.42 -4.68
CA VAL A 258 -0.75 4.08 -3.61
C VAL A 258 -0.80 3.21 -2.35
N HIS A 259 0.37 2.94 -1.79
CA HIS A 259 0.49 2.19 -0.55
C HIS A 259 0.56 3.17 0.62
N SER A 260 -0.29 2.97 1.63
CA SER A 260 -0.37 3.92 2.74
C SER A 260 -0.93 3.22 3.96
N HIS A 261 -0.09 3.07 5.00
CA HIS A 261 -0.54 2.57 6.29
C HIS A 261 -1.13 3.66 7.17
N GLU A 262 -0.83 4.93 6.86
CA GLU A 262 -1.09 6.02 7.78
C GLU A 262 -2.57 6.12 8.12
N PRO A 263 -2.93 6.22 9.40
CA PRO A 263 -4.33 6.36 9.78
C PRO A 263 -4.76 7.81 9.90
N GLY A 264 -6.06 8.03 9.69
CA GLY A 264 -6.67 9.30 9.96
C GLY A 264 -7.02 9.41 11.43
N PRO A 265 -7.98 10.29 11.75
CA PRO A 265 -8.45 10.38 13.15
C PRO A 265 -8.92 9.06 13.71
N THR A 266 -9.44 8.18 12.86
CA THR A 266 -9.85 6.82 13.19
C THR A 266 -9.09 5.82 12.32
N PRO A 267 -8.88 4.59 12.80
CA PRO A 267 -8.11 3.63 12.00
C PRO A 267 -8.70 3.35 10.63
N GLU A 268 -10.02 3.46 10.47
CA GLU A 268 -10.66 3.19 9.18
C GLU A 268 -10.63 4.38 8.24
N THR A 269 -10.25 5.57 8.71
N THR A 269 -10.29 5.56 8.72
CA THR A 269 -10.21 6.77 7.88
CA THR A 269 -10.24 6.67 7.79
C THR A 269 -8.82 6.94 7.29
C THR A 269 -8.83 6.85 7.25
N PRO A 270 -8.70 7.25 5.99
CA PRO A 270 -7.37 7.50 5.43
C PRO A 270 -6.79 8.79 5.97
N GLY A 271 -5.47 8.91 5.84
CA GLY A 271 -4.84 10.17 6.16
C GLY A 271 -5.36 11.29 5.29
N GLU A 272 -5.45 12.49 5.87
CA GLU A 272 -5.95 13.64 5.12
C GLU A 272 -5.11 13.89 3.87
N PHE A 273 -3.80 13.69 3.98
CA PHE A 273 -2.93 13.88 2.82
C PHE A 273 -3.23 12.88 1.71
N LEU A 274 -3.62 11.65 2.08
CA LEU A 274 -3.93 10.65 1.07
C LEU A 274 -5.16 11.04 0.27
N ARG A 275 -6.15 11.67 0.92
CA ARG A 275 -7.33 12.13 0.20
C ARG A 275 -7.01 13.27 -0.75
N VAL A 276 -6.15 14.20 -0.31
CA VAL A 276 -5.70 15.26 -1.21
C VAL A 276 -4.93 14.67 -2.39
N PHE A 277 -4.12 13.65 -2.12
CA PHE A 277 -3.38 12.98 -3.19
C PHE A 277 -4.33 12.37 -4.21
N ALA A 278 -5.33 11.64 -3.74
CA ALA A 278 -6.23 10.93 -4.65
C ALA A 278 -7.04 11.90 -5.50
N HIS A 279 -7.52 13.00 -4.90
CA HIS A 279 -8.23 14.00 -5.68
C HIS A 279 -7.32 14.61 -6.75
N ARG A 280 -6.06 14.86 -6.40
CA ARG A 280 -5.11 15.42 -7.37
C ARG A 280 -4.88 14.46 -8.53
N MET A 281 -4.75 13.16 -8.24
CA MET A 281 -4.52 12.19 -9.29
C MET A 281 -5.65 12.18 -10.31
N ILE A 282 -6.90 12.24 -9.83
CA ILE A 282 -8.03 12.29 -10.75
C ILE A 282 -8.12 13.65 -11.44
N ASP A 283 -7.76 14.72 -10.72
CA ASP A 283 -7.67 16.03 -11.35
C ASP A 283 -6.70 16.02 -12.52
N GLU A 284 -5.61 15.25 -12.41
CA GLU A 284 -4.60 15.19 -13.46
C GLU A 284 -4.96 14.21 -14.58
N GLY A 285 -5.98 13.38 -14.39
CA GLY A 285 -6.46 12.55 -15.48
C GLY A 285 -6.54 11.07 -15.20
N ALA A 286 -6.26 10.65 -13.96
CA ALA A 286 -6.34 9.24 -13.62
C ALA A 286 -7.78 8.77 -13.61
N HIS A 287 -7.99 7.52 -14.05
CA HIS A 287 -9.33 6.94 -14.09
C HIS A 287 -9.69 6.19 -12.82
N ALA A 288 -8.70 5.86 -11.98
CA ALA A 288 -8.96 5.15 -10.73
C ALA A 288 -7.75 5.27 -9.84
N VAL A 289 -8.00 5.28 -8.53
CA VAL A 289 -6.97 5.27 -7.50
C VAL A 289 -7.23 4.08 -6.60
N VAL A 290 -6.29 3.15 -6.55
CA VAL A 290 -6.43 1.94 -5.74
C VAL A 290 -5.44 2.02 -4.58
N GLY A 291 -5.95 1.90 -3.36
CA GLY A 291 -5.12 2.00 -2.17
C GLY A 291 -4.99 0.68 -1.43
N HIS A 292 -3.98 0.59 -0.59
CA HIS A 292 -3.70 -0.63 0.18
C HIS A 292 -2.71 -0.27 1.28
N GLY A 293 -2.45 -1.22 2.16
CA GLY A 293 -1.56 -0.99 3.28
C GLY A 293 -2.09 -1.47 4.62
N PRO A 294 -3.24 -0.96 5.04
CA PRO A 294 -3.69 -1.22 6.42
C PRO A 294 -4.00 -2.68 6.74
N HIS A 295 -4.17 -3.54 5.73
CA HIS A 295 -4.57 -4.96 5.84
C HIS A 295 -6.04 -5.12 6.17
N PHE A 296 -6.80 -4.04 6.23
CA PHE A 296 -8.26 -4.11 6.30
C PHE A 296 -8.85 -3.17 5.26
N LEU A 297 -10.16 -3.25 5.09
CA LEU A 297 -10.83 -2.42 4.09
C LEU A 297 -11.06 -1.01 4.61
N ARG A 298 -11.02 -0.05 3.70
CA ARG A 298 -11.42 1.32 3.96
C ARG A 298 -12.51 1.72 2.96
N GLY A 299 -12.99 2.94 3.09
CA GLY A 299 -14.12 3.39 2.29
C GLY A 299 -13.78 3.57 0.82
N VAL A 300 -14.84 3.73 0.03
CA VAL A 300 -14.74 3.98 -1.40
C VAL A 300 -15.37 5.33 -1.68
N GLU A 301 -14.70 6.17 -2.46
CA GLU A 301 -15.19 7.50 -2.80
C GLU A 301 -15.27 7.64 -4.31
N LEU A 302 -16.37 8.22 -4.79
CA LEU A 302 -16.52 8.61 -6.18
C LEU A 302 -16.24 10.11 -6.27
N TYR A 303 -15.20 10.47 -7.04
CA TYR A 303 -14.77 11.86 -7.18
C TYR A 303 -14.66 12.18 -8.66
N ARG A 304 -15.49 13.12 -9.13
CA ARG A 304 -15.56 13.48 -10.53
C ARG A 304 -15.80 12.24 -11.39
N ASN A 305 -16.67 11.37 -10.90
CA ASN A 305 -17.11 10.15 -11.58
C ASN A 305 -15.99 9.13 -11.75
N LYS A 306 -14.95 9.20 -10.91
CA LYS A 306 -13.89 8.20 -10.88
C LYS A 306 -13.75 7.64 -9.47
N PRO A 307 -13.48 6.34 -9.32
CA PRO A 307 -13.47 5.73 -7.98
C PRO A 307 -12.12 5.81 -7.29
N ILE A 308 -12.19 6.04 -5.98
CA ILE A 308 -11.02 5.97 -5.10
C ILE A 308 -11.28 4.87 -4.07
N PHE A 309 -10.47 3.82 -4.13
CA PHE A 309 -10.52 2.73 -3.14
C PHE A 309 -9.38 2.97 -2.16
N TYR A 310 -9.69 3.54 -1.00
CA TYR A 310 -8.64 3.94 -0.07
C TYR A 310 -7.89 2.75 0.49
N SER A 311 -8.52 1.58 0.57
CA SER A 311 -7.82 0.36 0.98
C SER A 311 -8.63 -0.85 0.58
N LEU A 312 -8.02 -1.73 -0.23
CA LEU A 312 -8.61 -3.03 -0.56
C LEU A 312 -8.04 -4.15 0.30
N GLY A 313 -7.29 -3.82 1.35
CA GLY A 313 -6.84 -4.83 2.29
C GLY A 313 -5.83 -5.79 1.67
N ASN A 314 -5.99 -7.06 2.00
CA ASN A 314 -5.11 -8.13 1.52
C ASN A 314 -5.88 -8.99 0.54
N ILE A 315 -5.25 -9.31 -0.60
CA ILE A 315 -5.83 -10.28 -1.52
C ILE A 315 -5.17 -11.63 -1.26
N VAL A 316 -3.95 -11.62 -0.75
CA VAL A 316 -3.25 -12.83 -0.31
C VAL A 316 -2.52 -12.47 0.99
N SER A 317 -2.63 -13.33 2.01
CA SER A 317 -2.07 -13.05 3.33
C SER A 317 -1.40 -14.31 3.88
N GLN A 318 -0.12 -14.48 3.57
CA GLN A 318 0.64 -15.64 4.01
C GLN A 318 1.93 -15.21 4.70
N ILE A 319 1.87 -14.16 5.51
CA ILE A 319 3.05 -13.68 6.22
C ILE A 319 3.61 -14.79 7.12
N GLU A 320 2.73 -15.43 7.89
CA GLU A 320 3.15 -16.41 8.88
C GLU A 320 3.65 -17.72 8.26
N LEU A 321 3.64 -17.84 6.93
CA LEU A 321 4.13 -19.05 6.27
C LEU A 321 5.48 -18.85 5.58
N THR A 322 6.10 -17.68 5.73
CA THR A 322 7.37 -17.43 5.07
C THR A 322 8.45 -18.34 5.64
N ASP A 323 9.34 -18.80 4.76
CA ASP A 323 10.43 -19.68 5.14
C ASP A 323 11.75 -18.94 5.35
N ARG A 324 11.76 -17.61 5.21
CA ARG A 324 12.97 -16.81 5.25
C ARG A 324 12.82 -15.72 6.31
N VAL A 325 13.26 -16.02 7.53
CA VAL A 325 13.21 -15.08 8.64
C VAL A 325 14.64 -14.63 8.95
N SER A 326 14.83 -13.31 9.03
CA SER A 326 16.16 -12.77 9.25
C SER A 326 16.54 -12.85 10.72
N ALA A 327 17.85 -12.68 10.98
CA ALA A 327 18.36 -12.79 12.34
C ALA A 327 17.81 -11.69 13.24
N GLU A 328 17.72 -10.47 12.70
CA GLU A 328 17.13 -9.38 13.48
C GLU A 328 15.66 -9.63 13.78
N ASP A 329 14.94 -10.26 12.85
CA ASP A 329 13.55 -10.63 13.11
C ASP A 329 13.46 -11.66 14.23
N TYR A 330 14.33 -12.68 14.18
CA TYR A 330 14.34 -13.71 15.21
C TYR A 330 14.60 -13.11 16.59
N ALA A 331 15.41 -12.06 16.65
CA ALA A 331 15.79 -11.47 17.93
C ALA A 331 14.62 -10.82 18.66
N LYS A 332 13.55 -10.47 17.94
CA LYS A 332 12.37 -9.88 18.57
C LYS A 332 11.59 -10.86 19.42
N VAL A 333 11.95 -12.14 19.41
CA VAL A 333 11.29 -13.16 20.22
C VAL A 333 12.35 -13.80 21.11
N THR A 334 12.20 -13.63 22.42
CA THR A 334 13.13 -14.23 23.37
C THR A 334 12.86 -15.73 23.48
N ALA A 335 13.89 -16.53 23.22
CA ALA A 335 13.73 -17.98 23.14
C ALA A 335 14.88 -18.67 23.86
N GLU A 336 14.55 -19.76 24.55
CA GLU A 336 15.54 -20.59 25.23
C GLU A 336 16.22 -21.58 24.29
N ARG A 337 15.82 -21.61 23.02
CA ARG A 337 16.39 -22.50 22.02
C ARG A 337 16.20 -21.87 20.66
N PRO A 338 17.05 -22.17 19.69
CA PRO A 338 16.87 -21.60 18.35
C PRO A 338 15.53 -21.98 17.75
N LEU A 339 14.92 -21.04 17.05
CA LEU A 339 13.55 -21.17 16.58
C LEU A 339 13.50 -21.52 15.11
N THR A 340 12.53 -22.34 14.74
CA THR A 340 12.12 -22.53 13.36
C THR A 340 11.11 -21.46 12.98
N PRO A 341 10.97 -21.15 11.68
CA PRO A 341 10.09 -20.03 11.29
C PRO A 341 8.67 -20.12 11.84
N GLY A 342 8.02 -21.27 11.71
CA GLY A 342 6.64 -21.40 12.19
C GLY A 342 6.53 -21.18 13.68
N ARG A 343 7.48 -21.72 14.46
CA ARG A 343 7.48 -21.49 15.90
C ARG A 343 7.72 -20.03 16.23
N TYR A 344 8.57 -19.36 15.44
CA TYR A 344 8.84 -17.94 15.66
C TYR A 344 7.56 -17.11 15.49
N TYR A 345 6.78 -17.40 14.46
CA TYR A 345 5.56 -16.64 14.23
C TYR A 345 4.50 -16.95 15.27
N ASP A 346 4.45 -18.20 15.74
CA ASP A 346 3.53 -18.54 16.81
C ASP A 346 3.84 -17.76 18.08
N ARG A 347 5.13 -17.65 18.42
CA ARG A 347 5.50 -16.89 19.61
C ARG A 347 5.29 -15.39 19.42
N LEU A 348 5.55 -14.90 18.20
CA LEU A 348 5.42 -13.46 17.95
C LEU A 348 3.97 -13.00 18.14
N SER A 349 3.01 -13.81 17.74
CA SER A 349 1.60 -13.49 17.90
C SER A 349 1.04 -13.92 19.24
N GLY A 350 1.90 -14.28 20.19
CA GLY A 350 1.42 -14.77 21.48
C GLY A 350 0.60 -16.03 21.34
N HIS A 351 1.04 -16.96 20.49
CA HIS A 351 0.32 -18.20 20.22
C HIS A 351 -1.07 -17.91 19.66
N GLY A 352 -1.17 -16.87 18.83
CA GLY A 352 -2.38 -16.56 18.11
C GLY A 352 -3.33 -15.59 18.80
N THR A 353 -2.98 -15.08 19.97
CA THR A 353 -3.88 -14.21 20.72
C THR A 353 -3.73 -12.73 20.38
N ARG A 354 -2.78 -12.35 19.53
CA ARG A 354 -2.63 -10.96 19.13
C ARG A 354 -2.15 -10.90 17.69
N LEU A 355 -1.84 -9.69 17.23
CA LEU A 355 -1.58 -9.40 15.83
C LEU A 355 -2.84 -9.65 14.99
N PHE A 356 -2.69 -10.11 13.75
CA PHE A 356 -3.82 -10.05 12.82
C PHE A 356 -4.79 -11.21 12.96
N ALA A 357 -4.34 -12.36 13.45
CA ALA A 357 -5.19 -13.55 13.46
C ALA A 357 -6.51 -13.40 14.22
N PRO A 358 -6.59 -12.74 15.38
CA PRO A 358 -7.85 -12.77 16.14
C PRO A 358 -9.00 -11.98 15.53
N HIS A 359 -8.74 -11.08 14.58
CA HIS A 359 -9.75 -10.13 14.11
C HIS A 359 -10.16 -10.44 12.67
N ARG A 360 -11.48 -10.38 12.42
CA ARG A 360 -12.02 -10.77 11.13
C ARG A 360 -11.75 -9.73 10.03
N ARG A 361 -11.53 -8.47 10.41
CA ARG A 361 -11.34 -7.44 9.40
C ARG A 361 -10.09 -7.68 8.56
N TYR A 362 -9.11 -8.41 9.11
CA TYR A 362 -7.88 -8.70 8.41
C TYR A 362 -7.98 -9.89 7.47
N TRP A 363 -9.15 -10.51 7.34
CA TRP A 363 -9.32 -11.69 6.51
C TRP A 363 -10.52 -11.57 5.58
N GLN A 364 -11.09 -10.38 5.43
CA GLN A 364 -12.05 -10.07 4.39
C GLN A 364 -11.40 -9.14 3.38
N SER A 365 -11.75 -9.30 2.11
CA SER A 365 -11.16 -8.48 1.06
C SER A 365 -12.22 -8.17 0.02
N LEU A 366 -11.82 -7.40 -0.99
CA LEU A 366 -12.72 -6.95 -2.04
C LEU A 366 -11.96 -6.86 -3.35
N VAL A 367 -12.55 -7.36 -4.41
CA VAL A 367 -12.00 -7.24 -5.76
C VAL A 367 -12.99 -6.44 -6.61
N PRO A 368 -12.74 -5.16 -6.81
CA PRO A 368 -13.58 -4.40 -7.75
C PRO A 368 -13.22 -4.73 -9.18
N VAL A 369 -14.23 -4.74 -10.05
CA VAL A 369 -14.06 -4.91 -11.47
C VAL A 369 -14.72 -3.71 -12.15
N LEU A 370 -13.91 -2.83 -12.72
CA LEU A 370 -14.40 -1.60 -13.32
C LEU A 370 -14.52 -1.76 -14.83
N THR A 371 -15.58 -1.20 -15.39
CA THR A 371 -15.79 -1.17 -16.83
C THR A 371 -15.74 0.28 -17.31
N PHE A 372 -14.89 0.54 -18.30
CA PHE A 372 -14.76 1.87 -18.88
C PHE A 372 -15.12 1.82 -20.35
N GLU A 373 -15.80 2.87 -20.83
CA GLU A 373 -16.13 3.01 -22.24
C GLU A 373 -15.62 4.37 -22.70
N ASP A 374 -14.52 4.37 -23.45
CA ASP A 374 -13.85 5.60 -23.90
C ASP A 374 -13.51 6.51 -22.71
N GLY A 375 -13.06 5.90 -21.62
CA GLY A 375 -12.62 6.64 -20.46
C GLY A 375 -13.70 6.93 -19.44
N THR A 376 -14.97 6.69 -19.76
CA THR A 376 -16.06 6.94 -18.84
C THR A 376 -16.37 5.67 -18.06
N LEU A 377 -16.43 5.79 -16.74
CA LEU A 377 -16.81 4.66 -15.89
C LEU A 377 -18.29 4.34 -16.08
N THR A 378 -18.58 3.13 -16.58
CA THR A 378 -19.95 2.70 -16.79
C THR A 378 -20.41 1.63 -15.80
N ALA A 379 -19.50 0.96 -15.11
CA ALA A 379 -19.86 -0.05 -14.13
C ALA A 379 -18.69 -0.26 -13.17
N ALA A 380 -19.00 -0.52 -11.91
CA ALA A 380 -18.00 -0.79 -10.87
C ALA A 380 -18.54 -1.92 -10.00
N ARG A 381 -18.32 -3.15 -10.44
CA ARG A 381 -18.78 -4.32 -9.70
C ARG A 381 -17.88 -4.57 -8.50
N LEU A 382 -18.47 -5.08 -7.42
CA LEU A 382 -17.77 -5.34 -6.17
C LEU A 382 -17.89 -6.81 -5.82
N HIS A 383 -16.76 -7.50 -5.73
CA HIS A 383 -16.72 -8.94 -5.45
C HIS A 383 -16.04 -9.18 -4.11
N PRO A 384 -16.79 -9.41 -3.03
CA PRO A 384 -16.16 -9.69 -1.74
C PRO A 384 -15.34 -10.97 -1.78
N VAL A 385 -14.21 -10.96 -1.08
CA VAL A 385 -13.26 -12.07 -1.08
C VAL A 385 -13.04 -12.51 0.37
N ASP A 386 -13.03 -13.82 0.59
CA ASP A 386 -12.82 -14.41 1.89
C ASP A 386 -11.41 -14.99 1.96
N LEU A 387 -10.69 -14.66 3.04
CA LEU A 387 -9.33 -15.14 3.25
C LEU A 387 -9.24 -16.20 4.34
N GLY A 388 -10.36 -16.74 4.78
CA GLY A 388 -10.37 -17.87 5.70
C GLY A 388 -10.05 -17.53 7.15
N PHE A 389 -10.82 -16.62 7.74
CA PHE A 389 -10.64 -16.31 9.16
C PHE A 389 -10.90 -17.54 10.00
N GLY A 390 -10.03 -17.77 10.98
CA GLY A 390 -10.20 -18.87 11.91
C GLY A 390 -9.71 -20.22 11.43
N ARG A 391 -9.24 -20.33 10.19
CA ARG A 391 -8.70 -21.57 9.68
C ARG A 391 -7.27 -21.75 10.18
N PRO A 392 -6.71 -22.97 10.09
CA PRO A 392 -5.31 -23.17 10.47
C PRO A 392 -4.39 -22.23 9.70
N VAL A 393 -3.24 -21.94 10.31
CA VAL A 393 -2.34 -20.93 9.74
C VAL A 393 -1.88 -21.32 8.34
N HIS A 394 -1.75 -22.62 8.06
CA HIS A 394 -1.27 -23.04 6.76
C HIS A 394 -2.34 -22.95 5.67
N ARG A 395 -3.59 -22.67 6.02
CA ARG A 395 -4.66 -22.56 5.03
C ARG A 395 -5.25 -21.16 4.91
N ARG A 396 -5.26 -20.38 5.98
CA ARG A 396 -5.80 -19.03 5.89
C ARG A 396 -4.85 -18.14 5.11
N GLY A 397 -5.42 -17.17 4.40
CA GLY A 397 -4.66 -16.30 3.54
C GLY A 397 -4.79 -16.59 2.06
N ARG A 398 -5.32 -17.75 1.69
CA ARG A 398 -5.59 -17.96 0.28
C ARG A 398 -6.97 -17.42 -0.08
N PRO A 399 -7.10 -16.71 -1.21
CA PRO A 399 -8.35 -16.02 -1.51
C PRO A 399 -9.35 -16.89 -2.27
N ARG A 400 -10.62 -16.64 -1.97
CA ARG A 400 -11.72 -17.22 -2.70
C ARG A 400 -12.89 -16.27 -2.65
N LEU A 401 -13.75 -16.34 -3.67
CA LEU A 401 -14.97 -15.55 -3.66
C LEU A 401 -15.82 -15.94 -2.46
N ALA A 402 -16.19 -14.96 -1.65
CA ALA A 402 -16.93 -15.23 -0.43
C ALA A 402 -18.31 -15.79 -0.78
N ASP A 403 -18.79 -16.69 0.07
N ASP A 403 -18.80 -16.70 0.07
CA ASP A 403 -20.15 -17.20 -0.09
CA ASP A 403 -20.15 -17.20 -0.11
C ASP A 403 -21.16 -16.08 0.18
C ASP A 403 -21.16 -16.08 0.16
N ARG A 404 -22.43 -16.37 -0.11
CA ARG A 404 -23.47 -15.35 -0.07
C ARG A 404 -23.51 -14.62 1.27
N ALA A 405 -23.53 -15.36 2.38
CA ALA A 405 -23.72 -14.75 3.69
C ALA A 405 -22.56 -13.84 4.06
N GLU A 406 -21.32 -14.27 3.82
CA GLU A 406 -20.17 -13.46 4.21
C GLU A 406 -19.91 -12.34 3.21
N ALA A 407 -20.25 -12.57 1.94
CA ALA A 407 -20.16 -11.49 0.95
C ALA A 407 -21.09 -10.34 1.32
N GLU A 408 -22.27 -10.66 1.85
CA GLU A 408 -23.21 -9.61 2.23
C GLU A 408 -22.68 -8.79 3.40
N LYS A 409 -22.06 -9.45 4.39
CA LYS A 409 -21.48 -8.72 5.51
C LYS A 409 -20.33 -7.83 5.06
N THR A 410 -19.51 -8.32 4.14
CA THR A 410 -18.41 -7.51 3.62
C THR A 410 -18.94 -6.31 2.83
N LEU A 411 -19.96 -6.52 2.01
CA LEU A 411 -20.56 -5.43 1.25
C LEU A 411 -21.20 -4.40 2.18
N THR A 412 -21.71 -4.84 3.33
CA THR A 412 -22.24 -3.90 4.31
C THR A 412 -21.12 -3.06 4.92
N ASP A 413 -19.98 -3.69 5.24
CA ASP A 413 -18.84 -2.95 5.76
C ASP A 413 -18.39 -1.88 4.77
N VAL A 414 -18.24 -2.26 3.50
CA VAL A 414 -17.80 -1.31 2.48
C VAL A 414 -18.78 -0.15 2.38
N ALA A 415 -20.08 -0.44 2.41
CA ALA A 415 -21.08 0.63 2.34
C ALA A 415 -20.97 1.56 3.54
N GLN A 416 -20.77 1.01 4.73
CA GLN A 416 -20.64 1.85 5.92
C GLN A 416 -19.34 2.65 5.89
N LEU A 417 -18.26 2.04 5.41
CA LEU A 417 -16.99 2.76 5.34
C LEU A 417 -17.01 3.84 4.26
N SER A 418 -17.87 3.67 3.24
CA SER A 418 -17.96 4.63 2.14
C SER A 418 -19.08 5.65 2.33
N GLN A 419 -19.95 5.46 3.32
CA GLN A 419 -21.03 6.41 3.55
C GLN A 419 -20.56 7.84 3.78
N PRO A 420 -19.49 8.11 4.54
CA PRO A 420 -19.06 9.51 4.70
C PRO A 420 -18.70 10.21 3.39
N TYR A 421 -18.47 9.46 2.32
CA TYR A 421 -18.17 10.04 1.02
C TYR A 421 -19.40 10.12 0.11
N GLY A 422 -20.58 9.73 0.60
CA GLY A 422 -21.77 9.77 -0.20
C GLY A 422 -21.90 8.65 -1.21
N THR A 423 -21.23 7.53 -0.99
CA THR A 423 -21.24 6.42 -1.95
C THR A 423 -22.36 5.46 -1.62
N ALA A 424 -23.11 5.05 -2.65
CA ALA A 424 -24.20 4.09 -2.51
C ALA A 424 -23.88 2.84 -3.30
N ILE A 425 -24.43 1.71 -2.84
CA ILE A 425 -24.14 0.40 -3.41
C ILE A 425 -25.44 -0.33 -3.70
N GLU A 426 -25.52 -0.93 -4.87
CA GLU A 426 -26.58 -1.89 -5.18
C GLU A 426 -26.07 -3.30 -4.87
N VAL A 427 -26.95 -4.14 -4.34
CA VAL A 427 -26.57 -5.47 -3.86
C VAL A 427 -27.32 -6.53 -4.65
N MET A 428 -26.59 -7.52 -5.15
CA MET A 428 -27.16 -8.64 -5.87
C MET A 428 -27.49 -9.78 -4.90
N ASP A 429 -28.25 -10.76 -5.41
CA ASP A 429 -28.69 -11.87 -4.57
C ASP A 429 -27.54 -12.75 -4.11
N ASP A 430 -26.43 -12.78 -4.84
CA ASP A 430 -25.30 -13.63 -4.48
C ASP A 430 -24.34 -12.98 -3.49
N GLY A 431 -24.57 -11.72 -3.13
CA GLY A 431 -23.71 -11.02 -2.21
C GLY A 431 -22.74 -10.07 -2.88
N THR A 432 -22.59 -10.13 -4.20
CA THR A 432 -21.81 -9.14 -4.92
C THR A 432 -22.63 -7.86 -5.09
N GLY A 433 -21.94 -6.78 -5.43
CA GLY A 433 -22.63 -5.52 -5.62
C GLY A 433 -22.01 -4.63 -6.67
N GLU A 434 -22.45 -3.37 -6.72
CA GLU A 434 -21.84 -2.39 -7.62
C GLU A 434 -22.15 -1.00 -7.12
N LEU A 435 -21.26 -0.07 -7.43
CA LEU A 435 -21.43 1.31 -7.00
C LEU A 435 -22.53 1.99 -7.82
N ALA A 436 -23.29 2.87 -7.16
CA ALA A 436 -24.27 3.69 -7.85
C ALA A 436 -23.55 4.85 -8.52
N LEU A 437 -23.65 4.92 -9.84
CA LEU A 437 -22.91 5.91 -10.62
C LEU A 437 -23.84 7.02 -11.09
N ASP A 438 -23.26 8.19 -11.31
CA ASP A 438 -24.01 9.36 -11.78
C ASP A 438 -24.12 9.40 -13.30
N VAL A 439 -23.24 8.72 -14.03
CA VAL A 439 -23.23 8.74 -15.48
C VAL A 439 -24.56 8.28 -16.07
N GLY B 12 10.14 5.10 10.08
CA GLY B 12 9.44 5.63 8.91
C GLY B 12 7.95 5.43 9.04
N CYS B 13 7.51 5.58 10.28
CA CYS B 13 6.17 5.16 10.65
C CYS B 13 5.77 5.94 11.89
N GLY B 14 5.85 7.26 11.75
CA GLY B 14 5.93 8.22 12.83
C GLY B 14 4.85 8.21 13.88
N TYR B 15 3.59 8.44 13.49
CA TYR B 15 2.50 8.52 14.46
C TYR B 15 1.71 7.22 14.57
N ALA B 16 1.71 6.40 13.52
CA ALA B 16 1.04 5.10 13.60
C ALA B 16 1.84 4.09 14.41
N ILE B 17 3.15 4.30 14.56
CA ILE B 17 4.05 3.44 15.32
C ILE B 17 4.16 2.08 14.62
N VAL B 18 3.06 1.36 14.50
CA VAL B 18 3.05 0.04 13.89
C VAL B 18 2.54 0.16 12.46
N CYS B 19 3.31 -0.34 11.51
CA CYS B 19 2.85 -0.56 10.14
C CYS B 19 3.28 -1.97 9.69
N PHE B 20 2.74 -2.94 10.41
CA PHE B 20 2.92 -4.36 10.10
C PHE B 20 2.17 -4.69 8.82
#